data_1W52
#
_entry.id   1W52
#
_cell.length_a   128.426
_cell.length_b   128.426
_cell.length_c   85.818
_cell.angle_alpha   90.00
_cell.angle_beta   90.00
_cell.angle_gamma   120.00
#
_symmetry.space_group_name_H-M   'P 32 2 1'
#
loop_
_entity.id
_entity.type
_entity.pdbx_description
1 polymer 'PANCREATIC LIPASE RELATED PROTEIN 2'
2 non-polymer DECYLAMINE-N,N-DIMETHYL-N-OXIDE
3 non-polymer 'CALCIUM ION'
#
_entity_poly.entity_id   1
_entity_poly.type   'polypeptide(L)'
_entity_poly.pdbx_seq_one_letter_code
;KEVCYTPLGCFSDDKPWAGTLQRPLKSLPWSPEEVNTRFLLYTNKNPDSYQLITARDVATIKSSNFQSSRKTHFVIHGFR
DRGEDSWPSDMCKKILQVETTNCISVDWSSGAKAEYTQAVQNIRIVGAETAYLIQQLLTELSYNPENVHIIGHSLGAHTA
GEAGRRLEGRVGRVTGLDPAEPCFQDASEEVRLDPSDAQFVDVIHTDASPMLPSLGFGMSQKVGHMDFFPNGGKQMPGCK
RSSFSTFIDINGIWQGAQDYLACNHLKSFEYYSSSILNPDGFLAYPCDSYDKFQENGCFPCPAGGCPKMGHYADQYKEKT
SAVEQTFFLNTGESGDYTSWRYRVSITLAGSGKANGYLKVTLRGSNGNSKQYEIFKGSLQPDSSYTLDVDVNFIIGKIQE
VKFVWNKTVLNLSKPQLGASRITVQSGADGTEYKFCGSGTVQDNVEQSLYPC
;
_entity_poly.pdbx_strand_id   X
#
# COMPACT_ATOMS: atom_id res chain seq x y z
N LYS A 1 -5.67 3.20 37.31
CA LYS A 1 -4.53 4.02 37.81
C LYS A 1 -4.18 5.01 36.73
N GLU A 2 -5.14 5.88 36.40
CA GLU A 2 -5.02 6.85 35.32
C GLU A 2 -4.13 8.07 35.60
N VAL A 3 -3.96 8.95 34.60
CA VAL A 3 -3.32 10.28 34.77
C VAL A 3 -3.84 11.28 33.76
N CYS A 4 -4.13 12.51 34.16
CA CYS A 4 -4.76 13.44 33.22
C CYS A 4 -3.80 14.42 32.71
N TYR A 5 -4.18 15.08 31.62
CA TYR A 5 -3.30 16.06 31.02
C TYR A 5 -4.06 17.20 30.36
N THR A 6 -3.28 18.28 30.18
CA THR A 6 -3.66 19.63 29.70
C THR A 6 -5.15 19.76 29.25
N PRO A 7 -5.48 19.86 27.93
CA PRO A 7 -6.87 19.69 27.48
C PRO A 7 -7.22 18.30 26.92
N LEU A 8 -6.26 17.39 27.02
CA LEU A 8 -6.37 16.09 26.36
C LEU A 8 -7.14 15.09 27.20
N GLY A 9 -7.31 15.38 28.47
CA GLY A 9 -8.15 14.54 29.30
C GLY A 9 -7.36 13.48 30.00
N CYS A 10 -7.96 12.29 30.09
CA CYS A 10 -7.44 11.22 30.92
C CYS A 10 -7.14 9.92 30.25
N PHE A 11 -6.25 9.18 30.87
CA PHE A 11 -5.73 7.96 30.32
C PHE A 11 -5.74 6.88 31.37
N SER A 12 -6.79 6.06 31.35
CA SER A 12 -6.89 4.93 32.27
C SER A 12 -5.96 3.80 31.88
N ASP A 13 -5.00 3.49 32.74
CA ASP A 13 -4.11 2.36 32.52
C ASP A 13 -4.80 0.99 32.58
N ASP A 14 -6.11 0.92 32.74
CA ASP A 14 -6.68 -0.41 32.79
C ASP A 14 -7.38 -0.80 31.50
N LYS A 15 -7.42 -2.09 31.28
CA LYS A 15 -8.05 -2.73 30.14
C LYS A 15 -9.00 -1.78 29.40
N PRO A 16 -9.05 -1.80 28.05
CA PRO A 16 -8.12 -2.53 27.19
C PRO A 16 -6.81 -1.82 26.87
N TRP A 17 -6.49 -0.74 27.56
CA TRP A 17 -5.24 -0.03 27.30
C TRP A 17 -3.99 -0.75 27.78
N ALA A 18 -4.18 -1.71 28.69
CA ALA A 18 -3.08 -2.44 29.34
C ALA A 18 -3.64 -3.52 30.26
N GLY A 19 -2.84 -4.56 30.52
CA GLY A 19 -3.34 -5.80 31.13
C GLY A 19 -4.25 -6.55 30.21
N THR A 20 -3.89 -6.55 28.93
CA THR A 20 -4.54 -7.37 27.94
C THR A 20 -3.55 -8.44 27.57
N LEU A 21 -4.09 -9.46 26.93
CA LEU A 21 -3.26 -10.48 26.33
C LEU A 21 -2.26 -9.85 25.37
N GLN A 22 -2.78 -8.89 24.61
CA GLN A 22 -2.03 -7.99 23.72
C GLN A 22 -1.09 -6.94 24.36
N ARG A 23 -1.27 -6.63 25.64
CA ARG A 23 -0.51 -5.58 26.33
C ARG A 23 -0.32 -5.98 27.80
N PRO A 24 0.42 -7.07 28.06
CA PRO A 24 0.31 -7.79 29.36
C PRO A 24 0.69 -6.95 30.56
N LEU A 25 1.74 -6.15 30.44
CA LEU A 25 2.15 -5.30 31.52
C LEU A 25 1.25 -4.03 31.54
N LYS A 26 1.13 -3.40 32.70
CA LYS A 26 0.44 -2.10 32.86
C LYS A 26 1.45 -0.95 32.88
N SER A 27 1.35 -0.09 31.87
CA SER A 27 2.04 1.18 31.88
C SER A 27 1.04 2.27 31.48
N LEU A 28 1.54 3.51 31.53
CA LEU A 28 0.82 4.69 31.13
C LEU A 28 1.64 5.60 30.16
N PRO A 29 0.93 6.36 29.33
CA PRO A 29 1.56 7.28 28.38
C PRO A 29 2.48 8.20 29.05
N TRP A 30 3.42 8.73 28.30
CA TRP A 30 4.30 9.80 28.72
C TRP A 30 3.50 11.07 28.80
N SER A 31 4.16 12.20 29.00
CA SER A 31 3.46 13.46 29.07
C SER A 31 3.52 14.10 27.69
N PRO A 32 2.56 14.97 27.35
CA PRO A 32 2.58 15.70 26.09
C PRO A 32 3.88 16.35 25.79
N GLU A 33 4.44 16.90 26.85
CA GLU A 33 5.70 17.64 26.85
C GLU A 33 6.86 16.68 26.51
N GLU A 34 6.84 15.51 27.17
CA GLU A 34 7.83 14.39 27.05
C GLU A 34 7.86 13.76 25.63
N VAL A 35 6.65 13.62 25.05
CA VAL A 35 6.38 13.22 23.64
C VAL A 35 6.70 14.29 22.56
N ASN A 36 6.55 15.58 22.91
CA ASN A 36 6.82 16.72 22.02
C ASN A 36 6.19 16.53 20.65
N THR A 37 4.85 16.34 20.66
CA THR A 37 4.07 16.25 19.41
C THR A 37 4.11 17.56 18.68
N ARG A 38 4.29 17.54 17.37
CA ARG A 38 4.50 18.80 16.67
C ARG A 38 3.86 18.73 15.30
N PHE A 39 2.85 19.57 15.08
CA PHE A 39 2.13 19.65 13.81
C PHE A 39 2.81 20.58 12.81
N LEU A 40 3.24 20.07 11.66
CA LEU A 40 4.01 20.88 10.71
C LEU A 40 3.22 21.07 9.44
N LEU A 41 2.99 22.35 9.09
CA LEU A 41 1.96 22.68 8.09
C LEU A 41 2.53 23.06 6.73
N TYR A 42 2.14 22.28 5.74
CA TYR A 42 2.53 22.48 4.38
C TYR A 42 1.24 22.72 3.60
N THR A 43 1.30 23.70 2.69
CA THR A 43 0.18 24.12 1.83
C THR A 43 0.79 24.59 0.52
N ASN A 44 -0.02 24.72 -0.52
CA ASN A 44 0.55 24.93 -1.85
C ASN A 44 1.26 26.25 -1.85
N LYS A 45 0.85 27.12 -0.92
CA LYS A 45 1.46 28.42 -0.74
C LYS A 45 2.93 28.25 -0.32
N ASN A 46 3.14 27.43 0.72
CA ASN A 46 4.49 27.06 1.23
C ASN A 46 4.84 25.57 1.15
N PRO A 47 5.25 25.10 -0.02
CA PRO A 47 5.63 23.69 -0.22
C PRO A 47 7.06 23.26 0.17
N ASP A 48 7.75 24.00 1.03
CA ASP A 48 9.11 23.64 1.41
C ASP A 48 9.36 23.73 2.90
N SER A 49 9.17 24.90 3.49
CA SER A 49 9.33 25.01 4.93
C SER A 49 7.95 24.90 5.48
N TYR A 50 7.82 24.69 6.78
CA TYR A 50 6.52 24.41 7.35
C TYR A 50 6.16 25.50 8.32
N GLN A 51 4.94 25.44 8.79
CA GLN A 51 4.54 26.42 9.74
C GLN A 51 4.18 25.71 11.00
N LEU A 52 4.97 25.92 12.03
CA LEU A 52 4.64 25.30 13.28
C LEU A 52 3.32 25.87 13.74
N ILE A 53 2.30 25.04 13.78
CA ILE A 53 1.01 25.43 14.33
C ILE A 53 0.76 24.68 15.62
N THR A 54 -0.26 25.10 16.34
CA THR A 54 -0.53 24.56 17.66
C THR A 54 -1.99 24.71 17.98
N ALA A 55 -2.60 23.68 18.54
CA ALA A 55 -4.02 23.76 18.85
C ALA A 55 -4.16 24.50 20.20
N ARG A 56 -3.01 24.84 20.76
CA ARG A 56 -2.98 25.48 22.08
C ARG A 56 -3.09 26.99 21.93
N ASP A 57 -2.55 27.51 20.82
CA ASP A 57 -2.57 28.93 20.50
C ASP A 57 -3.20 29.07 19.12
N VAL A 58 -4.52 29.21 19.11
CA VAL A 58 -5.28 29.33 17.87
C VAL A 58 -4.70 30.38 16.89
N ALA A 59 -4.17 31.47 17.44
CA ALA A 59 -3.49 32.50 16.65
C ALA A 59 -2.52 31.93 15.61
N THR A 60 -1.82 30.85 15.94
CA THR A 60 -0.78 30.25 15.06
C THR A 60 -1.33 29.64 13.76
N ILE A 61 -2.57 29.16 13.86
CA ILE A 61 -3.34 28.62 12.75
C ILE A 61 -3.89 29.74 11.84
N LYS A 62 -4.76 30.57 12.42
CA LYS A 62 -5.41 31.68 11.73
C LYS A 62 -4.38 32.53 10.99
N SER A 63 -3.20 32.71 11.58
CA SER A 63 -2.14 33.48 10.95
C SER A 63 -1.30 32.67 10.00
N SER A 64 -1.70 31.41 9.80
CA SER A 64 -1.03 30.47 8.87
C SER A 64 -1.78 30.23 7.56
N ASN A 65 -1.06 29.65 6.60
CA ASN A 65 -1.58 29.46 5.25
C ASN A 65 -2.67 28.40 5.16
N PHE A 66 -2.94 27.73 6.27
CA PHE A 66 -4.01 26.78 6.30
C PHE A 66 -5.22 27.39 5.61
N GLN A 67 -5.88 26.62 4.74
CA GLN A 67 -7.02 27.08 3.94
C GLN A 67 -8.27 26.27 4.29
N SER A 68 -9.19 26.88 5.05
CA SER A 68 -10.40 26.18 5.47
C SER A 68 -11.28 25.71 4.31
N SER A 69 -10.99 26.27 3.14
CA SER A 69 -11.66 25.87 1.90
C SER A 69 -11.33 24.43 1.40
N ARG A 70 -10.12 23.95 1.71
CA ARG A 70 -9.57 22.71 1.12
C ARG A 70 -9.51 21.50 2.04
N LYS A 71 -9.47 20.27 1.47
CA LYS A 71 -9.14 19.05 2.25
C LYS A 71 -7.87 19.21 3.10
N THR A 72 -7.72 18.43 4.16
CA THR A 72 -6.49 18.44 4.94
C THR A 72 -5.94 17.03 5.16
N HIS A 73 -4.71 16.81 4.70
CA HIS A 73 -4.02 15.55 4.92
C HIS A 73 -3.07 15.63 6.12
N PHE A 74 -3.25 14.67 7.02
CA PHE A 74 -2.38 14.46 8.16
C PHE A 74 -1.56 13.21 7.83
N VAL A 75 -0.28 13.26 8.15
CA VAL A 75 0.62 12.14 7.92
C VAL A 75 1.36 11.82 9.20
N ILE A 76 1.04 10.73 9.85
CA ILE A 76 1.66 10.36 11.12
C ILE A 76 2.66 9.17 11.02
N HIS A 77 3.90 9.38 11.43
CA HIS A 77 4.90 8.30 11.47
C HIS A 77 4.68 7.34 12.66
N GLY A 78 5.50 6.31 12.74
CA GLY A 78 5.39 5.44 13.89
C GLY A 78 6.67 5.31 14.70
N PHE A 79 6.78 4.16 15.40
CA PHE A 79 7.94 3.76 16.25
C PHE A 79 9.26 4.13 15.62
N ARG A 80 10.00 4.97 16.31
CA ARG A 80 11.39 5.32 15.97
C ARG A 80 11.63 5.91 14.61
N ASP A 81 10.70 6.73 14.23
CA ASP A 81 10.72 7.46 13.00
C ASP A 81 10.45 8.92 13.42
N ARG A 82 10.56 9.84 12.43
CA ARG A 82 10.28 11.26 12.63
C ARG A 82 9.42 11.91 11.49
N GLY A 83 8.91 13.10 11.81
CA GLY A 83 8.14 13.93 10.90
C GLY A 83 8.99 14.92 10.10
N GLU A 84 9.93 15.56 10.80
CA GLU A 84 10.76 16.63 10.27
C GLU A 84 11.78 16.18 9.24
N ASP A 85 11.44 15.91 8.03
CA ASP A 85 12.49 15.59 7.06
C ASP A 85 12.49 14.14 6.75
N SER A 86 12.05 13.19 7.52
CA SER A 86 11.74 11.85 7.01
C SER A 86 10.68 11.91 5.88
N TRP A 87 10.28 10.72 5.46
CA TRP A 87 9.23 10.54 4.47
C TRP A 87 7.91 11.28 4.71
N PRO A 88 7.41 11.51 5.93
CA PRO A 88 6.09 12.16 6.04
C PRO A 88 6.05 13.51 5.35
N SER A 89 7.04 14.36 5.66
CA SER A 89 7.18 15.65 5.03
C SER A 89 7.38 15.42 3.54
N ASP A 90 8.30 14.56 3.19
CA ASP A 90 8.47 14.26 1.78
C ASP A 90 7.07 13.98 1.09
N MET A 91 6.16 13.31 1.81
CA MET A 91 4.87 12.82 1.30
C MET A 91 3.91 13.97 1.16
N CYS A 92 3.97 14.91 2.10
CA CYS A 92 3.14 16.13 2.01
C CYS A 92 3.40 16.91 0.73
N LYS A 93 4.64 17.34 0.52
CA LYS A 93 5.11 17.84 -0.77
C LYS A 93 4.54 17.10 -1.99
N LYS A 94 4.69 15.79 -2.08
CA LYS A 94 4.16 15.11 -3.27
C LYS A 94 2.65 15.39 -3.40
N ILE A 95 1.92 15.35 -2.29
CA ILE A 95 0.46 15.58 -2.30
C ILE A 95 0.11 16.96 -2.90
N LEU A 96 0.88 17.98 -2.55
CA LEU A 96 0.70 19.34 -3.05
C LEU A 96 1.11 19.56 -4.50
N GLN A 97 1.83 18.63 -5.13
CA GLN A 97 2.02 18.75 -6.57
C GLN A 97 0.79 18.33 -7.37
N VAL A 98 -0.19 17.69 -6.74
CA VAL A 98 -1.32 17.15 -7.46
C VAL A 98 -2.67 17.69 -7.07
N GLU A 99 -2.78 18.29 -5.88
CA GLU A 99 -4.04 18.89 -5.39
C GLU A 99 -3.80 20.13 -4.57
N THR A 100 -4.77 21.02 -4.49
CA THR A 100 -4.53 22.22 -3.70
C THR A 100 -5.20 22.00 -2.37
N THR A 101 -4.35 22.02 -1.34
CA THR A 101 -4.69 21.46 -0.08
C THR A 101 -3.72 21.80 1.07
N ASN A 102 -4.17 21.43 2.27
CA ASN A 102 -3.42 21.48 3.51
C ASN A 102 -2.88 20.12 3.84
N CYS A 103 -1.56 20.02 4.01
CA CYS A 103 -0.98 18.77 4.47
C CYS A 103 -0.13 18.98 5.71
N ILE A 104 -0.50 18.32 6.79
CA ILE A 104 0.28 18.36 8.04
C ILE A 104 0.96 17.02 8.34
N SER A 105 2.23 17.13 8.74
CA SER A 105 3.06 16.01 9.14
C SER A 105 3.09 16.07 10.64
N VAL A 106 2.68 14.98 11.29
CA VAL A 106 2.60 14.92 12.74
C VAL A 106 3.91 14.33 13.29
N ASP A 107 4.83 15.17 13.74
CA ASP A 107 6.11 14.69 14.25
C ASP A 107 6.05 14.44 15.73
N TRP A 108 6.19 13.19 16.15
CA TRP A 108 6.26 12.88 17.59
C TRP A 108 7.48 12.05 17.89
N SER A 109 8.56 12.35 17.18
CA SER A 109 9.78 11.57 17.17
C SER A 109 10.27 11.17 18.54
N SER A 110 10.47 12.20 19.35
CA SER A 110 10.92 12.06 20.74
C SER A 110 10.06 11.08 21.57
N GLY A 111 8.77 11.03 21.31
CA GLY A 111 7.90 10.12 22.03
C GLY A 111 7.91 8.73 21.47
N ALA A 112 8.27 8.63 20.18
CA ALA A 112 8.34 7.37 19.43
C ALA A 112 9.76 6.74 19.47
N LYS A 113 10.64 7.40 20.21
CA LYS A 113 12.01 6.97 20.53
C LYS A 113 12.03 6.15 21.80
N ALA A 114 10.90 6.05 22.48
CA ALA A 114 10.80 5.21 23.65
C ALA A 114 10.88 3.73 23.33
N GLU A 115 10.72 2.95 24.38
CA GLU A 115 10.69 1.51 24.28
C GLU A 115 9.35 1.14 23.66
N TYR A 116 9.31 0.24 22.70
CA TYR A 116 8.04 -0.15 22.03
C TYR A 116 6.79 -0.15 22.93
N THR A 117 6.85 -0.89 24.00
CA THR A 117 5.77 -0.95 24.96
C THR A 117 5.30 0.41 25.45
N GLN A 118 6.24 1.27 25.82
CA GLN A 118 5.88 2.65 26.15
C GLN A 118 5.22 3.34 24.95
N ALA A 119 6.00 3.51 23.85
CA ALA A 119 5.57 3.99 22.51
C ALA A 119 4.11 3.62 22.15
N VAL A 120 3.75 2.37 22.36
CA VAL A 120 2.40 1.90 22.16
C VAL A 120 1.37 2.70 23.01
N GLN A 121 1.86 3.28 24.09
CA GLN A 121 1.04 4.15 24.92
C GLN A 121 1.13 5.61 24.54
N ASN A 122 2.31 6.13 24.28
CA ASN A 122 2.44 7.52 23.81
C ASN A 122 1.47 7.80 22.63
N ILE A 123 1.35 6.84 21.75
CA ILE A 123 0.36 6.90 20.67
C ILE A 123 -1.00 7.48 21.06
N ARG A 124 -1.46 7.16 22.26
CA ARG A 124 -2.69 7.70 22.85
C ARG A 124 -2.61 9.20 22.98
N ILE A 125 -1.49 9.70 23.43
CA ILE A 125 -1.32 11.13 23.47
C ILE A 125 -1.46 11.80 22.10
N VAL A 126 -0.53 11.52 21.19
CA VAL A 126 -0.56 12.06 19.82
C VAL A 126 -1.96 11.95 19.23
N GLY A 127 -2.70 10.92 19.61
CA GLY A 127 -4.04 10.73 19.09
C GLY A 127 -4.79 11.99 19.44
N ALA A 128 -4.83 12.25 20.74
CA ALA A 128 -5.44 13.39 21.36
C ALA A 128 -4.89 14.73 20.91
N GLU A 129 -3.58 14.94 20.94
CA GLU A 129 -3.04 16.14 20.33
C GLU A 129 -3.73 16.37 19.01
N THR A 130 -3.76 15.35 18.16
CA THR A 130 -4.27 15.46 16.79
C THR A 130 -5.78 15.67 16.80
N ALA A 131 -6.52 14.69 17.29
CA ALA A 131 -7.96 14.86 17.54
C ALA A 131 -8.26 16.29 18.03
N TYR A 132 -7.62 16.72 19.11
CA TYR A 132 -7.78 18.09 19.62
C TYR A 132 -7.62 19.24 18.66
N LEU A 133 -6.55 19.17 17.86
CA LEU A 133 -6.29 20.12 16.77
C LEU A 133 -7.40 20.12 15.74
N ILE A 134 -7.95 18.94 15.44
CA ILE A 134 -9.13 18.84 14.61
C ILE A 134 -10.36 19.39 15.29
N GLN A 135 -10.59 19.12 16.58
CA GLN A 135 -11.76 19.64 17.35
C GLN A 135 -11.76 21.15 17.33
N GLN A 136 -10.61 21.75 17.04
CA GLN A 136 -10.43 23.19 16.88
C GLN A 136 -10.04 23.66 15.47
N LEU A 137 -10.44 22.92 14.48
CA LEU A 137 -10.55 23.47 13.18
C LEU A 137 -12.05 23.55 13.02
N LEU A 138 -12.80 22.70 13.71
CA LEU A 138 -14.24 22.75 13.64
C LEU A 138 -14.74 23.94 14.44
N THR A 139 -14.42 24.01 15.74
CA THR A 139 -14.98 25.10 16.56
C THR A 139 -14.47 26.45 16.05
N GLU A 140 -13.20 26.57 15.76
CA GLU A 140 -12.72 27.87 15.36
C GLU A 140 -13.11 28.26 13.92
N LEU A 141 -12.83 27.46 12.90
CA LEU A 141 -13.12 27.88 11.52
C LEU A 141 -14.22 27.10 10.85
N SER A 142 -15.12 26.51 11.62
CA SER A 142 -16.18 25.63 11.09
C SER A 142 -15.71 24.57 10.08
N TYR A 143 -14.43 24.20 10.20
CA TYR A 143 -13.82 23.20 9.35
C TYR A 143 -14.47 21.84 9.60
N ASN A 144 -15.24 21.41 8.63
CA ASN A 144 -15.87 20.12 8.67
C ASN A 144 -14.83 18.97 8.83
N PRO A 145 -14.91 18.23 9.94
CA PRO A 145 -14.15 16.99 10.07
C PRO A 145 -14.17 16.02 8.91
N GLU A 146 -15.24 15.92 8.14
CA GLU A 146 -15.25 14.99 7.00
C GLU A 146 -14.39 15.43 5.79
N ASN A 147 -13.76 16.59 5.89
CA ASN A 147 -12.71 17.02 4.98
C ASN A 147 -11.31 16.63 5.40
N VAL A 148 -11.16 15.83 6.44
CA VAL A 148 -9.84 15.50 6.98
C VAL A 148 -9.49 14.08 6.67
N HIS A 149 -8.26 13.90 6.17
CA HIS A 149 -7.66 12.61 5.83
C HIS A 149 -6.45 12.38 6.68
N ILE A 150 -6.49 11.35 7.51
CA ILE A 150 -5.31 11.01 8.27
C ILE A 150 -4.64 9.82 7.70
N ILE A 151 -3.34 9.91 7.48
CA ILE A 151 -2.59 8.80 6.91
C ILE A 151 -1.54 8.38 7.92
N GLY A 152 -1.59 7.18 8.47
CA GLY A 152 -0.61 6.78 9.46
C GLY A 152 0.15 5.51 9.09
N HIS A 153 1.46 5.49 9.32
CA HIS A 153 2.27 4.26 9.14
C HIS A 153 2.60 3.53 10.46
N SER A 154 2.42 2.19 10.46
CA SER A 154 2.80 1.33 11.60
C SER A 154 2.09 1.83 12.83
N LEU A 155 2.82 2.27 13.81
CA LEU A 155 2.17 2.73 15.01
C LEU A 155 1.31 3.90 14.66
N GLY A 156 1.83 4.84 13.86
CA GLY A 156 1.04 5.90 13.23
C GLY A 156 -0.36 5.52 12.70
N ALA A 157 -0.46 4.38 12.03
CA ALA A 157 -1.77 3.97 11.59
C ALA A 157 -2.74 3.90 12.79
N HIS A 158 -2.34 3.26 13.85
CA HIS A 158 -3.19 3.13 15.02
C HIS A 158 -3.42 4.50 15.71
N THR A 159 -2.37 5.32 15.72
CA THR A 159 -2.48 6.70 16.17
C THR A 159 -3.63 7.41 15.48
N ALA A 160 -3.61 7.37 14.15
CA ALA A 160 -4.63 7.97 13.34
C ALA A 160 -6.00 7.36 13.70
N GLY A 161 -6.11 6.05 13.85
CA GLY A 161 -7.38 5.42 14.20
C GLY A 161 -7.83 5.90 15.58
N GLU A 162 -6.89 6.46 16.35
CA GLU A 162 -7.20 6.86 17.70
C GLU A 162 -7.90 8.19 17.64
N ALA A 163 -7.19 9.23 17.18
CA ALA A 163 -7.82 10.51 16.78
C ALA A 163 -9.19 10.28 16.13
N GLY A 164 -9.26 9.37 15.19
CA GLY A 164 -10.50 9.13 14.50
C GLY A 164 -11.67 8.73 15.42
N ARG A 165 -11.35 7.91 16.40
CA ARG A 165 -12.30 7.44 17.38
C ARG A 165 -12.66 8.54 18.40
N ARG A 166 -11.71 9.38 18.74
CA ARG A 166 -12.03 10.51 19.57
C ARG A 166 -13.06 11.39 18.89
N LEU A 167 -13.12 11.43 17.56
CA LEU A 167 -14.12 12.25 16.88
C LEU A 167 -15.28 11.35 16.39
N GLU A 168 -15.73 10.41 17.19
CA GLU A 168 -16.87 9.55 16.87
C GLU A 168 -17.00 9.11 15.41
N GLY A 169 -15.89 8.94 14.71
CA GLY A 169 -15.92 8.58 13.29
C GLY A 169 -16.39 9.66 12.31
N ARG A 170 -16.19 10.91 12.71
CA ARG A 170 -16.65 12.09 11.96
C ARG A 170 -15.65 12.46 10.87
N VAL A 171 -14.44 11.95 11.01
CA VAL A 171 -13.32 12.24 10.14
C VAL A 171 -13.45 11.41 8.84
N GLY A 172 -13.26 12.06 7.71
CA GLY A 172 -13.64 11.51 6.44
C GLY A 172 -12.84 10.32 6.01
N ARG A 173 -11.56 10.30 6.36
CA ARG A 173 -10.72 9.17 5.98
C ARG A 173 -9.44 9.07 6.79
N VAL A 174 -9.19 7.84 7.22
CA VAL A 174 -7.92 7.48 7.77
C VAL A 174 -7.45 6.31 6.92
N THR A 175 -6.18 6.38 6.56
CA THR A 175 -5.49 5.39 5.76
C THR A 175 -4.40 4.77 6.63
N GLY A 176 -4.41 3.46 6.75
CA GLY A 176 -3.42 2.76 7.56
C GLY A 176 -2.29 2.17 6.72
N LEU A 177 -1.12 2.75 6.76
CA LEU A 177 0.04 2.18 6.06
C LEU A 177 0.75 1.14 6.94
N ASP A 178 0.52 -0.12 6.58
CA ASP A 178 0.89 -1.31 7.37
C ASP A 178 0.81 -1.13 8.89
N PRO A 179 -0.41 -1.16 9.38
CA PRO A 179 -0.64 -0.97 10.82
C PRO A 179 0.16 -1.98 11.63
N ALA A 180 0.73 -1.53 12.73
CA ALA A 180 1.55 -2.39 13.57
C ALA A 180 0.74 -3.56 14.09
N GLU A 181 1.41 -4.70 14.25
CA GLU A 181 0.82 -5.89 14.82
C GLU A 181 0.95 -5.98 16.35
N PRO A 182 2.17 -6.07 16.90
CA PRO A 182 2.38 -6.22 18.35
C PRO A 182 1.52 -5.30 19.18
N CYS A 183 0.71 -5.83 20.09
CA CYS A 183 -0.15 -5.02 20.95
C CYS A 183 -1.47 -4.57 20.34
N PHE A 184 -1.71 -4.86 19.07
CA PHE A 184 -2.92 -4.43 18.37
C PHE A 184 -3.65 -5.60 17.71
N GLN A 185 -3.03 -6.35 16.84
CA GLN A 185 -3.79 -7.48 16.27
C GLN A 185 -4.63 -8.15 17.37
N ASP A 186 -5.88 -8.45 17.03
CA ASP A 186 -6.93 -9.04 17.93
C ASP A 186 -7.05 -8.33 19.28
N ALA A 187 -7.26 -7.04 19.25
CA ALA A 187 -7.52 -6.30 20.47
C ALA A 187 -8.82 -5.45 20.32
N SER A 188 -9.30 -4.90 21.43
CA SER A 188 -10.47 -4.05 21.38
C SER A 188 -10.18 -3.02 20.33
N GLU A 189 -11.25 -2.59 19.66
CA GLU A 189 -11.17 -1.66 18.57
C GLU A 189 -10.88 -0.34 19.22
N GLU A 190 -11.11 -0.26 20.52
CA GLU A 190 -10.84 0.96 21.24
C GLU A 190 -9.37 1.37 21.12
N VAL A 191 -8.49 0.37 20.94
CA VAL A 191 -7.02 0.55 21.06
C VAL A 191 -6.31 0.50 19.74
N ARG A 192 -6.97 -0.11 18.78
CA ARG A 192 -6.41 -0.26 17.50
C ARG A 192 -7.09 0.68 16.49
N LEU A 193 -7.27 0.17 15.27
CA LEU A 193 -7.73 0.88 14.12
C LEU A 193 -8.69 -0.08 13.43
N ASP A 194 -9.89 0.42 13.13
CA ASP A 194 -10.91 -0.41 12.55
C ASP A 194 -11.76 0.52 11.78
N PRO A 195 -12.67 0.01 10.96
CA PRO A 195 -13.44 0.85 10.03
C PRO A 195 -14.30 1.95 10.69
N SER A 196 -14.55 1.78 11.96
CA SER A 196 -15.37 2.72 12.70
C SER A 196 -14.63 4.01 13.06
N ASP A 197 -13.34 4.13 12.77
CA ASP A 197 -12.65 5.30 13.29
C ASP A 197 -12.76 6.44 12.28
N ALA A 198 -13.22 6.12 11.07
CA ALA A 198 -13.45 7.14 10.05
C ALA A 198 -14.61 6.76 9.15
N GLN A 199 -15.07 7.72 8.36
CA GLN A 199 -16.14 7.44 7.42
C GLN A 199 -15.63 6.44 6.42
N PHE A 200 -14.32 6.49 6.20
CA PHE A 200 -13.63 5.60 5.29
C PHE A 200 -12.22 5.28 5.81
N VAL A 201 -11.96 3.98 5.95
CA VAL A 201 -10.65 3.46 6.33
C VAL A 201 -10.17 2.53 5.24
N ASP A 202 -8.99 2.82 4.73
CA ASP A 202 -8.35 1.95 3.77
C ASP A 202 -6.97 1.53 4.27
N VAL A 203 -6.63 0.28 4.10
CA VAL A 203 -5.39 -0.23 4.63
C VAL A 203 -4.51 -0.87 3.55
N ILE A 204 -3.21 -0.56 3.59
CA ILE A 204 -2.20 -1.29 2.85
C ILE A 204 -1.37 -2.19 3.78
N HIS A 205 -1.34 -3.50 3.45
CA HIS A 205 -0.67 -4.53 4.25
C HIS A 205 0.59 -5.03 3.49
N THR A 206 1.77 -4.66 3.96
CA THR A 206 3.02 -5.09 3.34
C THR A 206 3.88 -6.04 4.17
N ASP A 207 3.62 -6.24 5.47
CA ASP A 207 4.53 -7.05 6.31
C ASP A 207 3.73 -7.90 7.28
N ALA A 208 2.69 -8.51 6.76
CA ALA A 208 1.66 -9.26 7.50
C ALA A 208 1.98 -10.76 7.87
N SER A 209 3.23 -11.15 7.66
CA SER A 209 3.77 -12.37 8.32
C SER A 209 3.52 -12.22 9.83
N PRO A 210 3.45 -13.34 10.51
CA PRO A 210 3.22 -13.27 11.96
C PRO A 210 4.33 -12.64 12.72
N MET A 211 4.03 -11.63 13.52
CA MET A 211 5.08 -10.98 14.29
C MET A 211 5.83 -12.04 15.10
N LEU A 212 5.08 -12.88 15.79
CA LEU A 212 5.66 -13.85 16.65
C LEU A 212 5.91 -15.21 16.01
N PRO A 213 6.77 -15.98 16.67
CA PRO A 213 7.89 -16.63 16.01
C PRO A 213 7.98 -16.26 14.57
N SER A 214 8.53 -15.11 14.13
CA SER A 214 8.57 -14.80 12.65
C SER A 214 8.75 -13.33 12.15
N LEU A 215 8.37 -12.39 13.00
CA LEU A 215 8.75 -10.98 12.86
C LEU A 215 8.08 -10.18 11.72
N GLY A 216 6.84 -10.47 11.40
CA GLY A 216 6.10 -9.65 10.49
C GLY A 216 5.34 -8.57 11.24
N PHE A 217 6.03 -7.44 11.32
CA PHE A 217 5.59 -6.24 12.02
C PHE A 217 4.21 -5.73 11.66
N GLY A 218 3.75 -6.10 10.46
CA GLY A 218 2.40 -5.83 10.00
C GLY A 218 1.30 -6.78 10.46
N MET A 219 0.11 -6.18 10.53
CA MET A 219 -1.12 -6.85 10.88
C MET A 219 -1.62 -7.58 9.68
N SER A 220 -1.99 -8.82 9.89
CA SER A 220 -2.68 -9.60 8.87
C SER A 220 -4.22 -9.35 8.87
N GLN A 221 -4.73 -9.01 10.06
CA GLN A 221 -6.12 -8.69 10.29
C GLN A 221 -6.67 -7.59 9.42
N LYS A 222 -7.80 -7.85 8.77
CA LYS A 222 -8.46 -6.78 8.03
C LYS A 222 -9.02 -5.73 8.98
N VAL A 223 -8.75 -4.47 8.74
CA VAL A 223 -9.24 -3.39 9.63
C VAL A 223 -9.79 -2.18 8.95
N GLY A 224 -10.18 -2.30 7.69
CA GLY A 224 -10.58 -1.14 6.90
C GLY A 224 -11.87 -1.48 6.21
N HIS A 225 -12.46 -0.49 5.54
CA HIS A 225 -13.49 -0.83 4.57
C HIS A 225 -12.82 -1.55 3.43
N MET A 226 -11.55 -1.19 3.20
CA MET A 226 -10.76 -1.86 2.21
C MET A 226 -9.37 -2.24 2.75
N ASP A 227 -8.99 -3.48 2.55
CA ASP A 227 -7.70 -3.96 2.99
C ASP A 227 -7.05 -4.44 1.71
N PHE A 228 -5.99 -3.76 1.28
CA PHE A 228 -5.22 -4.16 0.11
C PHE A 228 -4.02 -5.03 0.52
N PHE A 229 -3.68 -6.03 -0.31
CA PHE A 229 -2.54 -6.93 -0.07
C PHE A 229 -1.51 -7.03 -1.21
N PRO A 230 -0.72 -5.99 -1.44
CA PRO A 230 0.25 -6.00 -2.53
C PRO A 230 1.19 -7.18 -2.44
N ASN A 231 1.34 -7.86 -3.55
CA ASN A 231 2.14 -9.05 -3.54
C ASN A 231 1.74 -10.02 -2.49
N GLY A 232 0.45 -10.14 -2.19
CA GLY A 232 0.03 -10.96 -1.05
C GLY A 232 0.29 -10.36 0.35
N GLY A 233 0.97 -9.23 0.39
CA GLY A 233 1.18 -8.56 1.64
C GLY A 233 2.13 -9.14 2.68
N LYS A 234 2.83 -10.22 2.36
CA LYS A 234 3.76 -10.81 3.32
C LYS A 234 5.23 -10.62 2.90
N GLN A 235 5.54 -10.67 1.61
CA GLN A 235 6.90 -10.55 1.16
C GLN A 235 6.89 -9.67 -0.04
N MET A 236 7.45 -8.50 0.09
CA MET A 236 7.37 -7.50 -0.94
C MET A 236 8.62 -7.70 -1.77
N PRO A 237 8.50 -7.58 -3.09
CA PRO A 237 9.62 -7.53 -4.00
C PRO A 237 10.49 -6.37 -3.74
N GLY A 238 11.80 -6.59 -3.86
CA GLY A 238 12.81 -5.59 -3.64
C GLY A 238 13.45 -5.82 -2.28
N CYS A 239 12.78 -6.58 -1.44
CA CYS A 239 13.22 -6.83 -0.10
C CYS A 239 13.73 -8.24 -0.03
N LYS A 240 14.74 -8.45 0.83
CA LYS A 240 15.08 -9.77 1.37
C LYS A 240 14.36 -9.89 2.73
N ARG A 241 13.77 -11.03 3.05
CA ARG A 241 12.89 -11.06 4.23
C ARG A 241 13.49 -10.79 5.70
N SER A 242 12.92 -11.38 6.76
CA SER A 242 13.39 -11.24 8.16
C SER A 242 13.74 -12.61 8.76
N PHE A 247 16.86 0.46 15.27
CA PHE A 247 15.94 1.10 16.21
C PHE A 247 16.87 1.59 17.35
N ILE A 248 17.44 2.79 17.13
CA ILE A 248 18.75 3.29 17.66
C ILE A 248 19.79 3.06 16.51
N ASP A 249 19.26 2.97 15.27
CA ASP A 249 19.96 2.38 14.12
C ASP A 249 20.70 1.12 14.60
N ILE A 250 19.99 0.01 14.57
CA ILE A 250 20.65 -1.27 14.75
C ILE A 250 21.91 -1.30 13.87
N ASN A 251 21.93 -0.64 12.71
CA ASN A 251 23.10 -0.64 11.81
C ASN A 251 24.47 -0.36 12.50
N GLY A 252 24.42 0.15 13.72
CA GLY A 252 25.57 0.30 14.60
C GLY A 252 25.83 -0.85 15.57
N ILE A 253 24.96 -1.83 15.54
CA ILE A 253 25.09 -3.07 16.31
C ILE A 253 25.42 -4.17 15.34
N TRP A 254 24.73 -4.13 14.20
CA TRP A 254 24.81 -5.13 13.14
C TRP A 254 24.60 -4.42 11.81
N GLN A 255 25.62 -4.34 11.00
CA GLN A 255 25.55 -3.51 9.84
C GLN A 255 24.53 -4.11 8.89
N GLY A 256 23.54 -3.37 8.43
CA GLY A 256 22.51 -3.84 7.51
C GLY A 256 21.18 -4.29 8.13
N ALA A 257 21.15 -4.40 9.46
CA ALA A 257 20.06 -5.02 10.17
C ALA A 257 18.74 -4.26 9.99
N GLN A 258 18.67 -3.00 10.45
CA GLN A 258 17.50 -2.13 10.20
C GLN A 258 16.81 -2.37 8.86
N ASP A 259 17.52 -2.01 7.78
CA ASP A 259 16.99 -2.13 6.43
C ASP A 259 16.46 -3.54 6.24
N TYR A 260 17.31 -4.51 6.53
CA TYR A 260 16.95 -5.90 6.38
C TYR A 260 15.63 -6.21 7.03
N LEU A 261 15.55 -5.96 8.32
CA LEU A 261 14.37 -6.26 9.14
C LEU A 261 13.18 -5.28 9.00
N ALA A 262 13.31 -4.09 8.42
CA ALA A 262 12.13 -3.18 8.23
C ALA A 262 11.67 -2.93 6.77
N CYS A 263 12.36 -3.49 5.79
CA CYS A 263 12.10 -3.13 4.41
C CYS A 263 10.61 -3.37 3.95
N ASN A 264 10.06 -4.56 4.20
CA ASN A 264 8.68 -4.83 3.91
C ASN A 264 7.73 -3.91 4.65
N HIS A 265 7.94 -3.73 5.93
CA HIS A 265 7.09 -2.81 6.76
C HIS A 265 6.99 -1.41 6.13
N LEU A 266 8.10 -1.01 5.51
CA LEU A 266 8.23 0.29 4.93
C LEU A 266 7.67 0.33 3.52
N LYS A 267 7.50 -0.79 2.84
CA LYS A 267 7.02 -0.66 1.49
C LYS A 267 5.58 -0.06 1.47
N SER A 268 4.86 -0.21 2.55
CA SER A 268 3.55 0.36 2.68
C SER A 268 3.55 1.84 2.39
N PHE A 269 4.45 2.60 3.00
CA PHE A 269 4.49 4.05 2.70
C PHE A 269 5.24 4.43 1.41
N GLU A 270 5.89 3.45 0.84
CA GLU A 270 6.57 3.63 -0.38
C GLU A 270 5.51 3.55 -1.42
N TYR A 271 4.80 2.45 -1.45
CA TYR A 271 3.80 2.28 -2.46
C TYR A 271 2.84 3.46 -2.39
N TYR A 272 2.41 3.82 -1.19
CA TYR A 272 1.44 4.88 -1.10
C TYR A 272 2.02 6.14 -1.70
N SER A 273 3.13 6.60 -1.16
CA SER A 273 3.66 7.84 -1.68
C SER A 273 3.77 7.85 -3.24
N SER A 274 4.07 6.71 -3.87
CA SER A 274 4.16 6.68 -5.32
C SER A 274 2.81 6.75 -5.98
N SER A 275 1.79 6.09 -5.43
CA SER A 275 0.38 6.24 -5.88
C SER A 275 -0.13 7.71 -5.90
N ILE A 276 0.41 8.53 -5.02
CA ILE A 276 0.08 9.92 -5.03
C ILE A 276 0.32 10.52 -6.40
N LEU A 277 1.52 10.28 -6.95
CA LEU A 277 1.85 10.74 -8.33
C LEU A 277 1.54 9.78 -9.44
N ASN A 278 1.06 8.58 -9.14
CA ASN A 278 0.94 7.56 -10.15
C ASN A 278 -0.29 6.76 -9.97
N PRO A 279 -1.40 7.44 -9.82
CA PRO A 279 -2.65 6.79 -9.41
C PRO A 279 -2.92 5.47 -10.12
N ASP A 280 -2.66 5.41 -11.42
CA ASP A 280 -3.05 4.26 -12.24
C ASP A 280 -2.07 3.12 -12.04
N GLY A 281 -1.22 3.28 -11.04
CA GLY A 281 -0.03 2.47 -10.92
C GLY A 281 -0.23 1.23 -10.09
N PHE A 282 -1.34 1.18 -9.38
CA PHE A 282 -1.53 0.17 -8.34
C PHE A 282 -2.98 -0.17 -8.27
N LEU A 283 -3.50 -0.82 -9.28
CA LEU A 283 -4.90 -1.17 -9.29
C LEU A 283 -5.14 -2.45 -8.54
N ALA A 284 -5.95 -2.41 -7.51
CA ALA A 284 -6.24 -3.63 -6.80
C ALA A 284 -7.39 -4.39 -7.43
N TYR A 285 -7.36 -5.70 -7.29
CA TYR A 285 -8.36 -6.56 -7.90
C TYR A 285 -9.02 -7.28 -6.75
N PRO A 286 -10.32 -7.50 -6.78
CA PRO A 286 -10.97 -8.13 -5.62
C PRO A 286 -10.79 -9.64 -5.76
N CYS A 287 -10.74 -10.38 -4.66
CA CYS A 287 -10.43 -11.81 -4.67
C CYS A 287 -10.49 -12.40 -3.31
N ASP A 288 -10.63 -13.71 -3.19
CA ASP A 288 -10.80 -14.38 -1.89
C ASP A 288 -9.48 -14.57 -1.23
N SER A 289 -8.45 -14.77 -2.05
CA SER A 289 -7.12 -15.09 -1.55
C SER A 289 -6.11 -14.81 -2.63
N TYR A 290 -4.88 -14.55 -2.19
CA TYR A 290 -3.85 -14.08 -3.11
C TYR A 290 -3.49 -15.16 -4.13
N ASP A 291 -3.77 -16.42 -3.75
CA ASP A 291 -3.40 -17.55 -4.58
C ASP A 291 -4.34 -17.54 -5.77
N LYS A 292 -5.64 -17.46 -5.51
CA LYS A 292 -6.62 -17.34 -6.56
C LYS A 292 -6.23 -16.22 -7.49
N PHE A 293 -5.68 -15.16 -6.94
CA PHE A 293 -5.20 -14.06 -7.77
C PHE A 293 -3.99 -14.44 -8.64
N GLN A 294 -3.09 -15.18 -8.01
CA GLN A 294 -1.79 -15.55 -8.56
C GLN A 294 -1.91 -16.66 -9.61
N GLU A 295 -2.93 -17.50 -9.41
CA GLU A 295 -3.33 -18.60 -10.30
C GLU A 295 -4.31 -18.07 -11.35
N ASN A 296 -3.98 -16.93 -11.93
CA ASN A 296 -4.79 -16.32 -12.97
C ASN A 296 -6.33 -16.28 -12.68
N GLY A 297 -6.72 -15.74 -11.52
CA GLY A 297 -8.12 -15.58 -11.14
C GLY A 297 -8.47 -14.11 -11.05
N CYS A 298 -9.73 -13.82 -10.73
CA CYS A 298 -10.18 -12.46 -10.48
C CYS A 298 -9.61 -11.43 -11.45
N PHE A 299 -9.71 -11.73 -12.75
CA PHE A 299 -9.21 -10.84 -13.81
C PHE A 299 -10.24 -10.67 -14.99
N PRO A 300 -10.31 -9.51 -15.63
CA PRO A 300 -9.55 -8.29 -15.28
C PRO A 300 -10.34 -7.39 -14.33
N CYS A 301 -9.95 -6.12 -14.26
CA CYS A 301 -10.67 -5.19 -13.46
C CYS A 301 -12.15 -5.44 -13.66
N PRO A 302 -12.95 -5.33 -12.57
CA PRO A 302 -14.40 -5.68 -12.58
C PRO A 302 -15.29 -4.63 -13.28
N ALA A 303 -16.62 -4.81 -13.26
CA ALA A 303 -17.55 -3.88 -13.93
C ALA A 303 -17.04 -2.42 -13.93
N GLY A 304 -17.17 -1.72 -12.80
CA GLY A 304 -16.91 -0.28 -12.80
C GLY A 304 -15.47 0.15 -12.93
N GLY A 305 -14.54 -0.76 -12.67
CA GLY A 305 -13.11 -0.45 -12.64
C GLY A 305 -12.43 -1.01 -11.39
N CYS A 306 -11.10 -1.00 -11.39
CA CYS A 306 -10.39 -1.48 -10.22
C CYS A 306 -10.18 -0.27 -9.37
N PRO A 307 -10.24 -0.42 -8.05
CA PRO A 307 -9.92 0.71 -7.17
C PRO A 307 -8.47 1.05 -7.36
N LYS A 308 -8.09 2.31 -7.23
CA LYS A 308 -6.69 2.64 -7.27
C LYS A 308 -6.17 2.56 -5.84
N MET A 309 -5.19 1.69 -5.57
CA MET A 309 -4.68 1.47 -4.20
C MET A 309 -3.80 2.63 -3.92
N GLY A 310 -3.86 3.16 -2.73
CA GLY A 310 -3.15 4.39 -2.55
C GLY A 310 -4.03 5.59 -2.32
N HIS A 311 -3.45 6.71 -2.65
CA HIS A 311 -4.06 8.02 -2.53
C HIS A 311 -5.44 8.11 -3.14
N TYR A 312 -5.64 7.54 -4.34
CA TYR A 312 -6.94 7.67 -5.04
C TYR A 312 -7.91 6.55 -4.80
N ALA A 313 -7.72 5.86 -3.69
CA ALA A 313 -8.67 4.81 -3.25
C ALA A 313 -10.07 5.40 -2.94
N ASP A 314 -10.10 6.61 -2.42
CA ASP A 314 -11.37 7.25 -2.08
C ASP A 314 -12.29 7.54 -3.28
N GLN A 315 -11.84 7.26 -4.49
CA GLN A 315 -12.68 7.33 -5.67
C GLN A 315 -13.43 6.08 -6.03
N TYR A 316 -13.47 5.07 -5.18
CA TYR A 316 -14.06 3.83 -5.57
C TYR A 316 -15.54 3.93 -5.21
N LYS A 317 -16.43 3.69 -6.19
CA LYS A 317 -17.88 3.78 -5.92
C LYS A 317 -18.24 3.03 -4.65
N GLU A 318 -17.85 1.76 -4.55
CA GLU A 318 -18.28 0.89 -3.43
C GLU A 318 -17.27 0.86 -2.28
N LYS A 319 -16.50 1.93 -2.14
CA LYS A 319 -15.47 2.02 -1.09
C LYS A 319 -15.98 1.65 0.30
N THR A 320 -17.22 2.02 0.64
CA THR A 320 -17.78 1.58 1.93
C THR A 320 -19.06 0.75 1.84
N SER A 321 -19.28 0.08 0.73
CA SER A 321 -20.39 -0.89 0.67
C SER A 321 -20.22 -2.04 1.68
N ALA A 322 -18.99 -2.31 2.10
CA ALA A 322 -18.71 -3.33 3.12
C ALA A 322 -17.45 -3.00 3.87
N VAL A 323 -17.19 -3.84 4.88
CA VAL A 323 -15.89 -3.84 5.61
C VAL A 323 -15.04 -5.06 5.23
N GLU A 324 -13.75 -4.92 5.44
CA GLU A 324 -12.83 -5.99 5.12
C GLU A 324 -12.86 -6.41 3.65
N GLN A 325 -13.45 -5.59 2.77
CA GLN A 325 -13.35 -5.79 1.34
C GLN A 325 -11.88 -5.94 1.04
N THR A 326 -11.48 -7.06 0.45
CA THR A 326 -10.08 -7.28 0.21
C THR A 326 -9.78 -7.29 -1.26
N PHE A 327 -8.58 -6.77 -1.55
CA PHE A 327 -8.03 -6.72 -2.90
C PHE A 327 -6.51 -7.11 -2.96
N PHE A 328 -6.10 -7.57 -4.15
CA PHE A 328 -4.75 -8.07 -4.40
C PHE A 328 -4.18 -7.48 -5.63
N LEU A 329 -2.89 -7.55 -5.77
CA LEU A 329 -2.22 -6.96 -6.89
C LEU A 329 -0.70 -7.23 -6.76
N ASN A 330 0.09 -6.82 -7.74
CA ASN A 330 1.52 -6.96 -7.65
C ASN A 330 2.24 -5.66 -7.97
N THR A 331 3.13 -5.21 -7.10
CA THR A 331 3.96 -4.04 -7.39
C THR A 331 5.22 -4.36 -8.15
N GLY A 332 5.95 -3.32 -8.48
CA GLY A 332 7.29 -3.46 -8.99
C GLY A 332 8.31 -3.70 -7.90
N GLU A 333 9.52 -4.07 -8.31
CA GLU A 333 10.69 -4.28 -7.45
C GLU A 333 11.31 -2.95 -7.01
N SER A 334 11.19 -1.87 -7.79
CA SER A 334 11.83 -0.57 -7.45
C SER A 334 11.42 0.75 -8.18
N GLY A 335 11.94 1.87 -7.69
CA GLY A 335 11.71 3.17 -8.29
C GLY A 335 10.41 3.81 -7.85
N ASP A 336 9.39 3.72 -8.70
CA ASP A 336 8.01 4.10 -8.40
C ASP A 336 7.09 2.82 -8.19
N TYR A 337 7.64 1.63 -8.43
CA TYR A 337 6.98 0.37 -8.11
C TYR A 337 5.64 0.15 -8.82
N THR A 338 5.46 0.80 -9.96
CA THR A 338 4.20 0.63 -10.69
C THR A 338 4.25 -0.58 -11.59
N SER A 339 3.22 -1.40 -11.56
CA SER A 339 3.14 -2.53 -12.45
C SER A 339 1.73 -2.57 -12.99
N TRP A 340 1.61 -3.02 -14.22
CA TRP A 340 0.32 -3.20 -14.78
C TRP A 340 0.13 -4.64 -15.11
N ARG A 341 -1.09 -5.10 -15.07
CA ARG A 341 -1.31 -6.51 -15.21
C ARG A 341 -1.97 -6.79 -16.53
N TYR A 342 -1.48 -7.83 -17.18
CA TYR A 342 -1.98 -8.28 -18.47
C TYR A 342 -2.23 -9.76 -18.40
N ARG A 343 -3.24 -10.27 -19.08
CA ARG A 343 -3.33 -11.74 -19.29
C ARG A 343 -2.76 -12.18 -20.65
N VAL A 344 -2.12 -13.36 -20.67
CA VAL A 344 -1.45 -13.88 -21.88
C VAL A 344 -1.77 -15.36 -22.10
N SER A 345 -2.58 -15.61 -23.12
CA SER A 345 -2.89 -16.95 -23.56
C SER A 345 -2.01 -17.32 -24.73
N ILE A 346 -1.72 -18.62 -24.81
CA ILE A 346 -1.04 -19.25 -25.94
C ILE A 346 -1.62 -20.67 -26.12
N THR A 347 -2.29 -20.89 -27.26
CA THR A 347 -2.74 -22.20 -27.73
C THR A 347 -1.71 -22.73 -28.70
N LEU A 348 -1.36 -24.01 -28.55
CA LEU A 348 -0.24 -24.56 -29.31
C LEU A 348 -0.65 -25.04 -30.70
N ALA A 349 0.33 -25.52 -31.44
CA ALA A 349 0.08 -26.05 -32.76
C ALA A 349 1.12 -27.13 -33.06
N GLY A 350 1.13 -27.59 -34.31
CA GLY A 350 2.17 -28.49 -34.82
C GLY A 350 1.80 -29.96 -34.87
N SER A 351 2.83 -30.82 -34.84
CA SER A 351 2.67 -32.27 -34.92
C SER A 351 3.31 -33.00 -33.74
N GLY A 352 4.59 -32.75 -33.51
CA GLY A 352 5.33 -33.50 -32.51
C GLY A 352 5.25 -32.90 -31.12
N LYS A 353 5.30 -33.76 -30.10
CA LYS A 353 5.25 -33.34 -28.68
C LYS A 353 6.65 -33.04 -28.15
N ALA A 354 6.86 -31.84 -27.61
CA ALA A 354 8.17 -31.39 -27.11
C ALA A 354 8.15 -31.14 -25.60
N ASN A 355 9.14 -30.36 -25.09
CA ASN A 355 9.10 -29.77 -23.73
C ASN A 355 9.88 -28.47 -23.64
N GLY A 356 9.37 -27.51 -22.88
CA GLY A 356 10.10 -26.26 -22.80
C GLY A 356 9.49 -24.99 -22.26
N TYR A 357 10.36 -24.00 -22.18
CA TYR A 357 10.04 -22.62 -21.84
C TYR A 357 9.19 -22.04 -22.96
N LEU A 358 8.32 -21.07 -22.64
CA LEU A 358 7.44 -20.44 -23.62
C LEU A 358 7.50 -18.95 -23.42
N LYS A 359 8.61 -18.39 -23.84
CA LYS A 359 8.89 -17.00 -23.56
C LYS A 359 8.11 -16.07 -24.50
N VAL A 360 8.26 -14.75 -24.25
CA VAL A 360 7.48 -13.68 -24.89
C VAL A 360 8.11 -12.31 -24.58
N THR A 361 8.08 -11.39 -25.52
CA THR A 361 8.43 -9.97 -25.23
C THR A 361 7.29 -9.02 -25.69
N LEU A 362 7.46 -7.71 -25.46
CA LEU A 362 6.46 -6.70 -25.86
C LEU A 362 7.09 -5.36 -26.22
N ARG A 363 6.58 -4.76 -27.31
CA ARG A 363 7.03 -3.46 -27.83
C ARG A 363 6.04 -2.33 -27.48
N GLY A 364 4.75 -2.68 -27.46
CA GLY A 364 3.68 -1.81 -27.00
C GLY A 364 3.55 -0.52 -27.79
N SER A 365 4.38 0.45 -27.40
CA SER A 365 4.40 1.79 -27.97
C SER A 365 5.59 2.50 -27.33
N ASN A 366 5.57 2.58 -26.00
CA ASN A 366 6.53 3.38 -25.20
C ASN A 366 7.93 2.82 -25.15
N GLY A 367 8.00 1.55 -24.77
CA GLY A 367 9.25 0.81 -24.75
C GLY A 367 8.99 -0.64 -25.08
N ASN A 368 9.82 -1.52 -24.53
CA ASN A 368 9.67 -2.98 -24.70
C ASN A 368 9.98 -3.69 -23.38
N SER A 369 9.28 -4.80 -23.14
CA SER A 369 9.19 -5.34 -21.80
C SER A 369 10.45 -6.11 -21.43
N LYS A 370 10.28 -7.36 -20.99
CA LYS A 370 11.36 -8.28 -20.62
C LYS A 370 10.98 -9.65 -21.21
N GLN A 371 11.74 -10.71 -20.97
CA GLN A 371 11.29 -12.03 -21.42
C GLN A 371 10.21 -12.47 -20.45
N TYR A 372 9.26 -13.31 -20.87
CA TYR A 372 8.12 -13.63 -20.02
C TYR A 372 7.72 -15.08 -20.11
N GLU A 373 8.34 -15.92 -19.31
CA GLU A 373 8.04 -17.32 -19.39
C GLU A 373 6.56 -17.55 -19.08
N ILE A 374 5.74 -17.83 -20.08
CA ILE A 374 4.32 -18.11 -19.83
C ILE A 374 4.02 -19.58 -19.49
N PHE A 375 4.96 -20.46 -19.85
CA PHE A 375 4.77 -21.88 -19.60
C PHE A 375 6.02 -22.72 -19.75
N LYS A 376 6.21 -23.66 -18.83
CA LYS A 376 7.15 -24.75 -19.01
C LYS A 376 6.40 -26.08 -18.82
N GLY A 377 6.54 -26.98 -19.80
CA GLY A 377 5.96 -28.30 -19.73
C GLY A 377 5.78 -28.93 -21.11
N SER A 378 4.91 -29.94 -21.17
CA SER A 378 4.59 -30.68 -22.41
C SER A 378 3.79 -29.85 -23.40
N LEU A 379 4.24 -29.86 -24.65
CA LEU A 379 3.75 -28.92 -25.64
C LEU A 379 2.87 -29.58 -26.75
N GLN A 380 1.96 -30.46 -26.34
CA GLN A 380 1.02 -31.13 -27.26
C GLN A 380 0.27 -30.14 -28.21
N PRO A 381 0.07 -30.52 -29.48
CA PRO A 381 -0.62 -29.67 -30.44
C PRO A 381 -2.06 -29.29 -30.09
N ASP A 382 -2.42 -28.09 -30.57
CA ASP A 382 -3.70 -27.42 -30.33
C ASP A 382 -4.38 -27.77 -29.01
N SER A 383 -3.81 -27.18 -27.95
CA SER A 383 -4.38 -27.18 -26.60
C SER A 383 -4.61 -25.70 -26.19
N SER A 384 -3.87 -25.19 -25.20
CA SER A 384 -3.96 -23.79 -24.76
C SER A 384 -3.31 -23.62 -23.40
N TYR A 385 -2.78 -22.42 -23.17
CA TYR A 385 -1.85 -22.17 -22.06
C TYR A 385 -1.71 -20.66 -21.73
N THR A 386 -2.55 -20.17 -20.79
CA THR A 386 -2.50 -18.77 -20.31
C THR A 386 -1.71 -18.55 -19.03
N LEU A 387 -1.36 -17.28 -18.80
CA LEU A 387 -0.74 -16.82 -17.54
C LEU A 387 -0.72 -15.27 -17.39
N ASP A 388 -1.22 -14.79 -16.25
CA ASP A 388 -1.27 -13.37 -15.95
C ASP A 388 0.10 -12.87 -15.60
N VAL A 389 0.46 -11.68 -16.01
CA VAL A 389 1.82 -11.21 -15.79
C VAL A 389 1.88 -9.72 -15.43
N ASP A 390 3.01 -9.23 -14.93
CA ASP A 390 3.06 -7.89 -14.34
C ASP A 390 4.07 -7.03 -15.06
N VAL A 391 3.62 -5.92 -15.65
CA VAL A 391 4.50 -5.11 -16.47
C VAL A 391 4.98 -3.88 -15.70
N ASN A 392 6.20 -3.95 -15.20
CA ASN A 392 6.74 -2.95 -14.31
C ASN A 392 6.80 -1.58 -14.93
N PHE A 393 6.13 -1.39 -16.05
CA PHE A 393 6.07 -0.07 -16.66
C PHE A 393 4.93 0.10 -17.64
N ILE A 394 4.77 1.34 -18.04
CA ILE A 394 3.61 1.75 -18.80
C ILE A 394 4.03 1.76 -20.26
N ILE A 395 3.48 0.80 -21.01
CA ILE A 395 3.86 0.64 -22.41
C ILE A 395 2.92 1.37 -23.38
N GLY A 396 1.66 0.95 -23.35
CA GLY A 396 0.64 1.39 -24.29
C GLY A 396 -0.21 0.20 -24.73
N LYS A 397 -0.15 -0.06 -26.03
CA LYS A 397 -0.94 -1.07 -26.71
C LYS A 397 0.00 -2.07 -27.34
N ILE A 398 -0.25 -3.34 -27.06
CA ILE A 398 0.63 -4.43 -27.53
C ILE A 398 0.68 -4.50 -29.09
N GLN A 399 0.00 -5.49 -29.67
CA GLN A 399 0.04 -5.80 -31.10
C GLN A 399 1.45 -5.87 -31.75
N GLU A 400 2.45 -6.22 -30.92
CA GLU A 400 3.90 -6.22 -31.29
C GLU A 400 4.72 -7.21 -30.37
N VAL A 401 4.25 -8.46 -30.27
CA VAL A 401 4.90 -9.50 -29.43
C VAL A 401 6.17 -10.06 -30.10
N LYS A 402 6.87 -11.01 -29.43
CA LYS A 402 8.07 -11.66 -30.01
C LYS A 402 8.22 -13.19 -29.87
N PHE A 403 7.64 -13.81 -28.86
CA PHE A 403 7.76 -15.29 -28.64
C PHE A 403 9.21 -15.71 -28.22
N VAL A 404 9.67 -16.97 -28.59
CA VAL A 404 11.02 -17.57 -28.41
C VAL A 404 10.73 -18.84 -27.65
N TRP A 405 11.42 -19.82 -27.65
CA TRP A 405 11.21 -20.99 -26.81
C TRP A 405 12.42 -21.94 -26.89
N ASN A 406 12.60 -22.68 -25.81
CA ASN A 406 13.81 -23.42 -25.57
C ASN A 406 13.45 -24.84 -25.14
N LYS A 407 14.48 -25.68 -25.02
CA LYS A 407 14.33 -27.14 -24.84
C LYS A 407 14.48 -27.63 -23.38
N THR A 408 13.84 -28.74 -23.04
CA THR A 408 13.86 -29.29 -21.68
C THR A 408 14.23 -30.77 -21.67
N VAL A 409 13.48 -31.55 -22.43
CA VAL A 409 13.87 -32.89 -22.89
C VAL A 409 14.51 -32.64 -24.27
N LEU A 410 15.59 -33.34 -24.57
CA LEU A 410 16.38 -32.99 -25.72
C LEU A 410 15.75 -33.47 -27.05
N ASN A 411 15.41 -34.76 -27.16
CA ASN A 411 14.83 -35.24 -28.43
C ASN A 411 13.64 -36.20 -28.32
N LEU A 412 12.86 -36.15 -29.40
CA LEU A 412 11.86 -37.14 -29.84
C LEU A 412 11.47 -36.91 -31.35
N SER A 413 12.06 -35.88 -31.98
CA SER A 413 11.83 -35.50 -33.36
C SER A 413 12.54 -34.16 -33.68
N LYS A 414 11.99 -33.08 -33.08
CA LYS A 414 12.32 -31.64 -33.31
C LYS A 414 11.25 -30.94 -34.14
N PRO A 415 9.98 -31.00 -33.69
CA PRO A 415 8.83 -30.68 -34.57
C PRO A 415 8.67 -29.21 -34.98
N GLN A 416 7.69 -28.91 -35.83
CA GLN A 416 7.52 -27.56 -36.36
C GLN A 416 6.36 -26.89 -35.63
N LEU A 417 6.67 -26.33 -34.45
CA LEU A 417 5.63 -26.07 -33.44
C LEU A 417 4.82 -24.76 -33.59
N GLY A 418 5.46 -23.60 -33.42
CA GLY A 418 4.77 -22.31 -33.48
C GLY A 418 3.69 -22.03 -32.43
N ALA A 419 2.66 -21.29 -32.81
CA ALA A 419 1.59 -20.94 -31.89
C ALA A 419 0.46 -20.38 -32.71
N SER A 420 -0.60 -21.18 -32.82
CA SER A 420 -1.83 -20.81 -33.53
C SER A 420 -2.28 -19.41 -33.14
N ARG A 421 -2.48 -19.21 -31.84
CA ARG A 421 -2.94 -17.93 -31.29
C ARG A 421 -2.33 -17.60 -29.91
N ILE A 422 -2.20 -16.29 -29.68
CA ILE A 422 -1.71 -15.68 -28.44
C ILE A 422 -2.68 -14.57 -27.97
N THR A 423 -3.80 -14.94 -27.36
CA THR A 423 -4.69 -13.96 -26.73
C THR A 423 -3.91 -13.10 -25.72
N VAL A 424 -3.69 -11.82 -26.03
CA VAL A 424 -3.20 -10.86 -25.03
C VAL A 424 -4.43 -10.31 -24.25
N GLN A 425 -4.19 -9.46 -23.23
CA GLN A 425 -5.28 -8.70 -22.57
C GLN A 425 -4.83 -7.70 -21.50
N SER A 426 -5.57 -6.59 -21.34
CA SER A 426 -5.32 -5.65 -20.25
C SER A 426 -6.20 -5.89 -19.03
N GLY A 427 -5.73 -5.40 -17.89
CA GLY A 427 -6.38 -5.65 -16.62
C GLY A 427 -7.36 -4.54 -16.37
N ALA A 428 -6.83 -3.33 -16.49
CA ALA A 428 -7.61 -2.08 -16.42
C ALA A 428 -9.01 -2.19 -17.04
N ASP A 429 -9.08 -2.55 -18.33
CA ASP A 429 -10.35 -2.58 -19.09
C ASP A 429 -10.70 -4.02 -19.51
N GLY A 430 -9.97 -4.58 -20.47
CA GLY A 430 -10.37 -5.85 -21.08
C GLY A 430 -9.94 -5.92 -22.52
N THR A 431 -9.37 -4.83 -23.03
CA THR A 431 -8.72 -4.75 -24.34
C THR A 431 -7.84 -5.97 -24.69
N GLU A 432 -8.43 -7.03 -25.26
CA GLU A 432 -7.64 -8.09 -25.90
C GLU A 432 -6.88 -7.46 -27.06
N TYR A 433 -6.04 -8.24 -27.73
CA TYR A 433 -5.27 -7.72 -28.90
C TYR A 433 -4.92 -8.84 -29.92
N LYS A 434 -5.22 -10.06 -29.48
CA LYS A 434 -4.80 -11.37 -30.04
C LYS A 434 -4.48 -11.48 -31.55
N PHE A 435 -3.54 -12.42 -31.79
CA PHE A 435 -2.80 -12.59 -33.07
C PHE A 435 -2.78 -14.01 -33.67
N CYS A 436 -2.51 -14.06 -34.97
CA CYS A 436 -2.40 -15.29 -35.75
C CYS A 436 -0.96 -15.39 -36.21
N GLY A 437 -0.30 -16.51 -35.95
CA GLY A 437 1.06 -16.72 -36.42
C GLY A 437 1.16 -17.78 -37.48
N SER A 438 0.22 -17.80 -38.42
CA SER A 438 0.24 -18.80 -39.48
C SER A 438 1.68 -18.86 -40.04
N GLY A 439 2.38 -19.94 -39.74
CA GLY A 439 3.75 -20.12 -40.17
C GLY A 439 4.60 -20.62 -39.03
N THR A 440 4.34 -21.86 -38.62
CA THR A 440 4.87 -22.42 -37.37
C THR A 440 6.33 -22.84 -37.50
N VAL A 441 7.22 -21.85 -37.51
CA VAL A 441 8.66 -22.11 -37.54
C VAL A 441 9.00 -22.89 -36.26
N GLN A 442 9.94 -23.81 -36.42
CA GLN A 442 10.25 -24.85 -35.44
C GLN A 442 10.55 -24.25 -34.07
N ASP A 443 11.84 -24.04 -33.78
CA ASP A 443 12.35 -23.69 -32.46
C ASP A 443 13.11 -22.38 -32.45
N ASN A 444 13.28 -21.80 -31.27
CA ASN A 444 14.15 -20.65 -31.06
C ASN A 444 14.02 -19.65 -32.21
N VAL A 445 12.89 -18.96 -32.27
CA VAL A 445 12.68 -17.91 -33.27
C VAL A 445 12.00 -16.70 -32.60
N GLU A 446 12.01 -15.55 -33.26
CA GLU A 446 11.18 -14.42 -32.85
C GLU A 446 9.99 -14.23 -33.82
N GLN A 447 9.35 -15.38 -34.14
CA GLN A 447 8.07 -15.51 -34.84
C GLN A 447 7.06 -14.45 -34.38
N SER A 448 7.09 -13.27 -35.00
CA SER A 448 6.29 -12.15 -34.50
C SER A 448 4.81 -12.28 -34.92
N LEU A 449 3.99 -12.93 -34.09
CA LEU A 449 2.54 -13.05 -34.36
C LEU A 449 1.95 -11.63 -34.46
N TYR A 450 0.91 -11.42 -35.27
CA TYR A 450 0.40 -10.05 -35.49
C TYR A 450 -1.14 -9.96 -35.58
N PRO A 451 -1.71 -8.75 -35.53
CA PRO A 451 -3.15 -8.53 -35.37
C PRO A 451 -4.09 -9.39 -36.20
N CYS A 452 -5.25 -9.74 -35.64
CA CYS A 452 -6.39 -10.25 -36.41
C CYS A 452 -7.63 -10.31 -35.53
#